data_7JW6
#
_entry.id   7JW6
#
_cell.length_a   44.338
_cell.length_b   117.101
_cell.length_c   87.481
_cell.angle_alpha   90.000
_cell.angle_beta   90.000
_cell.angle_gamma   90.000
#
_symmetry.space_group_name_H-M   'C 2 2 21'
#
loop_
_entity.id
_entity.type
_entity.pdbx_description
1 polymer 'Exonuclease mut-7 homolog'
2 water water
#
_entity_poly.entity_id   1
_entity_poly.type   'polypeptide(L)'
_entity_poly.pdbx_seq_one_letter_code
;SRCDMYLTMDLPDECLIIVNKADEFDRMLYHLQQECVIYLASEWMQSVCGDNQLCVLQIATGHNVYLIDCLARESLRSEH
WRLLGANIFNNVNIRKVGFSMVSDLSVLQRSLPLQLRLQMPHHYLDLRNLWLELKKQRFGVELPFGNVNRAGDALTDLSL
ACLGKKLNKSNQCSNWANRPLRREQILYAAIDARCLMLIYNTLIERVSFIQAVIEKSIASNNFLRRGAHVK
;
_entity_poly.pdbx_strand_id   A
#
# COMPACT_ATOMS: atom_id res chain seq x y z
N MET A 5 21.43 -8.05 -2.09
CA MET A 5 20.75 -8.42 -0.85
C MET A 5 19.31 -7.93 -0.87
N TYR A 6 18.57 -8.16 0.21
CA TYR A 6 17.16 -7.83 0.23
C TYR A 6 16.91 -6.61 1.09
N LEU A 7 15.85 -5.89 0.76
CA LEU A 7 15.42 -4.74 1.56
C LEU A 7 15.07 -5.19 2.98
N THR A 8 15.56 -4.45 3.96
CA THR A 8 15.25 -4.69 5.36
C THR A 8 14.52 -3.49 5.94
N MET A 9 13.85 -3.71 7.08
CA MET A 9 13.12 -2.65 7.78
C MET A 9 14.10 -1.70 8.46
N ASP A 10 13.99 -0.42 8.13
CA ASP A 10 14.90 0.57 8.71
C ASP A 10 14.34 1.23 9.95
N LEU A 11 13.05 1.15 10.15
CA LEU A 11 12.42 1.77 11.31
C LEU A 11 12.71 0.99 12.58
N PRO A 12 12.82 1.69 13.71
CA PRO A 12 12.84 1.00 15.01
C PRO A 12 11.56 0.21 15.24
N ASP A 13 11.67 -0.82 16.07
CA ASP A 13 10.53 -1.69 16.36
C ASP A 13 9.35 -0.90 16.93
N GLU A 14 9.63 0.15 17.70
CA GLU A 14 8.57 0.97 18.30
C GLU A 14 7.70 1.66 17.25
N CYS A 15 8.20 1.85 16.03
CA CYS A 15 7.45 2.50 14.97
C CYS A 15 6.65 1.51 14.13
N LEU A 16 6.63 0.23 14.49
CA LEU A 16 5.74 -0.74 13.88
C LEU A 16 4.63 -0.96 14.90
N ILE A 17 3.46 -0.41 14.61
CA ILE A 17 2.37 -0.28 15.59
C ILE A 17 1.30 -1.29 15.22
N ILE A 18 1.12 -2.31 16.07
CA ILE A 18 0.07 -3.30 15.88
C ILE A 18 -1.23 -2.75 16.46
N VAL A 19 -2.29 -2.79 15.66
CA VAL A 19 -3.59 -2.25 16.03
C VAL A 19 -4.57 -3.40 16.08
N ASN A 20 -5.01 -3.78 17.28
CA ASN A 20 -6.03 -4.81 17.40
C ASN A 20 -7.03 -4.48 18.49
N LYS A 21 -7.01 -3.27 19.04
CA LYS A 21 -7.96 -2.83 20.04
C LYS A 21 -8.53 -1.48 19.62
N ALA A 22 -9.72 -1.18 20.15
CA ALA A 22 -10.41 0.04 19.79
C ALA A 22 -9.61 1.29 20.17
N ASP A 23 -9.02 1.33 21.37
CA ASP A 23 -8.29 2.53 21.75
C ASP A 23 -7.07 2.74 20.84
N GLU A 24 -6.45 1.65 20.40
CA GLU A 24 -5.35 1.77 19.45
C GLU A 24 -5.85 2.29 18.11
N PHE A 25 -7.03 1.83 17.68
CA PHE A 25 -7.59 2.28 16.41
C PHE A 25 -7.94 3.76 16.47
N ASP A 26 -8.54 4.21 17.58
CA ASP A 26 -8.87 5.62 17.73
C ASP A 26 -7.62 6.49 17.71
N ARG A 27 -6.55 6.05 18.36
CA ARG A 27 -5.31 6.82 18.31
C ARG A 27 -4.74 6.85 16.89
N MET A 28 -4.83 5.74 16.16
CA MET A 28 -4.36 5.70 14.78
C MET A 28 -5.16 6.69 13.92
N LEU A 29 -6.48 6.71 14.08
CA LEU A 29 -7.29 7.65 13.32
C LEU A 29 -6.86 9.08 13.58
N TYR A 30 -6.56 9.40 14.85
CA TYR A 30 -6.10 10.74 15.20
C TYR A 30 -4.83 11.10 14.44
N HIS A 31 -3.87 10.18 14.40
CA HIS A 31 -2.61 10.50 13.73
C HIS A 31 -2.76 10.48 12.21
N LEU A 32 -3.49 9.53 11.66
CA LEU A 32 -3.60 9.46 10.20
C LEU A 32 -4.29 10.69 9.63
N GLN A 33 -5.23 11.25 10.38
CA GLN A 33 -5.99 12.40 9.88
C GLN A 33 -5.11 13.63 9.69
N GLN A 34 -3.95 13.67 10.32
CA GLN A 34 -3.02 14.80 10.21
C GLN A 34 -1.97 14.61 9.12
N GLU A 35 -1.94 13.46 8.45
CA GLU A 35 -1.00 13.22 7.38
C GLU A 35 -1.60 13.66 6.05
N CYS A 36 -0.75 14.03 5.10
CA CYS A 36 -1.28 14.28 3.76
C CYS A 36 -0.86 13.23 2.74
N VAL A 37 -0.09 12.23 3.15
CA VAL A 37 0.20 11.06 2.30
C VAL A 37 0.35 9.84 3.20
N ILE A 38 -0.24 8.73 2.78
CA ILE A 38 -0.09 7.45 3.46
C ILE A 38 0.12 6.39 2.39
N TYR A 39 0.55 5.20 2.85
CA TYR A 39 0.98 4.15 1.94
C TYR A 39 0.28 2.86 2.35
N LEU A 40 -0.39 2.21 1.39
CA LEU A 40 -1.33 1.13 1.66
C LEU A 40 -0.83 -0.21 1.15
N ALA A 41 -0.87 -1.22 2.01
CA ALA A 41 -0.63 -2.60 1.63
C ALA A 41 -1.54 -3.49 2.46
N SER A 42 -1.65 -4.75 2.05
CA SER A 42 -2.50 -5.67 2.80
C SER A 42 -1.94 -7.08 2.64
N GLU A 43 -2.38 -7.96 3.52
CA GLU A 43 -2.04 -9.38 3.43
C GLU A 43 -3.34 -10.16 3.59
N TRP A 44 -3.56 -11.12 2.68
CA TRP A 44 -4.78 -11.90 2.78
C TRP A 44 -4.54 -13.32 2.26
N MET A 45 -5.48 -14.20 2.60
CA MET A 45 -5.39 -15.61 2.29
C MET A 45 -6.48 -15.97 1.27
N GLN A 46 -6.17 -16.90 0.38
CA GLN A 46 -7.14 -17.28 -0.65
C GLN A 46 -7.04 -18.77 -0.94
N SER A 47 -8.12 -19.31 -1.48
CA SER A 47 -8.13 -20.67 -1.99
C SER A 47 -9.06 -20.70 -3.20
N VAL A 48 -9.10 -21.85 -3.88
CA VAL A 48 -9.86 -21.90 -5.11
C VAL A 48 -11.37 -21.83 -4.84
N CYS A 49 -11.83 -22.49 -3.78
CA CYS A 49 -13.27 -22.55 -3.49
C CYS A 49 -13.70 -21.72 -2.28
N GLY A 50 -12.77 -21.24 -1.46
CA GLY A 50 -13.15 -20.52 -0.26
C GLY A 50 -13.24 -19.02 -0.51
N ASP A 51 -13.87 -18.33 0.43
CA ASP A 51 -13.89 -16.87 0.35
C ASP A 51 -12.53 -16.31 0.77
N ASN A 52 -12.15 -15.20 0.14
CA ASN A 52 -10.92 -14.51 0.52
C ASN A 52 -10.99 -14.13 1.99
N GLN A 53 -9.84 -14.21 2.66
CA GLN A 53 -9.73 -13.90 4.08
C GLN A 53 -8.74 -12.75 4.24
N LEU A 54 -9.24 -11.54 4.42
CA LEU A 54 -8.39 -10.39 4.71
C LEU A 54 -7.82 -10.51 6.11
N CYS A 55 -6.50 -10.41 6.24
CA CYS A 55 -5.85 -10.67 7.52
C CYS A 55 -5.19 -9.44 8.11
N VAL A 56 -4.43 -8.71 7.31
CA VAL A 56 -3.68 -7.54 7.79
C VAL A 56 -3.93 -6.41 6.80
N LEU A 57 -4.11 -5.20 7.34
CA LEU A 57 -4.09 -3.97 6.54
C LEU A 57 -2.95 -3.12 7.07
N GLN A 58 -2.02 -2.76 6.18
CA GLN A 58 -0.87 -1.94 6.58
C GLN A 58 -1.08 -0.54 6.06
N ILE A 59 -0.97 0.44 6.97
CA ILE A 59 -1.04 1.84 6.59
C ILE A 59 0.23 2.49 7.11
N ALA A 60 1.13 2.84 6.20
CA ALA A 60 2.36 3.50 6.58
C ALA A 60 2.22 5.01 6.42
N THR A 61 2.88 5.74 7.29
CA THR A 61 3.12 7.15 7.11
C THR A 61 4.55 7.31 6.61
N GLY A 62 5.04 8.55 6.56
CA GLY A 62 6.46 8.74 6.26
C GLY A 62 7.39 8.24 7.36
N HIS A 63 6.88 8.04 8.59
CA HIS A 63 7.74 7.75 9.72
C HIS A 63 7.33 6.55 10.57
N ASN A 64 6.25 5.84 10.24
CA ASN A 64 5.90 4.64 11.00
C ASN A 64 4.98 3.78 10.14
N VAL A 65 4.63 2.60 10.65
CA VAL A 65 3.72 1.70 9.95
C VAL A 65 2.70 1.18 10.94
N TYR A 66 1.42 1.28 10.58
CA TYR A 66 0.36 0.68 11.35
C TYR A 66 0.03 -0.68 10.73
N LEU A 67 -0.01 -1.71 11.56
CA LEU A 67 -0.39 -3.06 11.11
C LEU A 67 -1.72 -3.37 11.80
N ILE A 68 -2.81 -3.24 11.06
CA ILE A 68 -4.16 -3.40 11.62
C ILE A 68 -4.59 -4.86 11.47
N ASP A 69 -4.99 -5.46 12.59
CA ASP A 69 -5.47 -6.84 12.61
C ASP A 69 -6.92 -6.86 12.11
N CYS A 70 -7.12 -7.28 10.87
CA CYS A 70 -8.45 -7.30 10.28
C CYS A 70 -9.30 -8.47 10.77
N LEU A 71 -8.73 -9.41 11.50
CA LEU A 71 -9.49 -10.49 12.12
C LEU A 71 -9.97 -10.14 13.51
N ALA A 72 -9.58 -8.99 14.04
CA ALA A 72 -9.95 -8.57 15.39
C ALA A 72 -11.31 -7.88 15.38
N ARG A 73 -12.33 -8.60 14.89
CA ARG A 73 -13.60 -7.95 14.58
C ARG A 73 -14.50 -7.75 15.79
N GLU A 74 -14.21 -8.41 16.92
CA GLU A 74 -15.00 -8.14 18.12
C GLU A 74 -14.53 -6.88 18.81
N SER A 75 -13.24 -6.54 18.68
CA SER A 75 -12.75 -5.30 19.25
C SER A 75 -12.77 -4.14 18.26
N LEU A 76 -12.57 -4.41 16.96
CA LEU A 76 -12.62 -3.39 15.92
C LEU A 76 -13.98 -3.47 15.23
N ARG A 77 -14.89 -2.56 15.60
CA ARG A 77 -16.31 -2.60 15.24
C ARG A 77 -16.57 -1.90 13.91
N SER A 78 -17.81 -2.04 13.42
CA SER A 78 -18.15 -1.48 12.12
C SER A 78 -17.88 0.01 12.07
N GLU A 79 -18.21 0.74 13.14
CA GLU A 79 -18.00 2.17 13.11
C GLU A 79 -16.52 2.54 12.98
N HIS A 80 -15.61 1.74 13.57
CA HIS A 80 -14.18 1.99 13.37
C HIS A 80 -13.82 1.93 11.88
N TRP A 81 -14.21 0.84 11.21
CA TRP A 81 -13.92 0.73 9.79
C TRP A 81 -14.61 1.82 8.98
N ARG A 82 -15.86 2.16 9.33
CA ARG A 82 -16.55 3.21 8.61
C ARG A 82 -15.82 4.54 8.71
N LEU A 83 -15.29 4.85 9.90
CA LEU A 83 -14.57 6.11 10.08
C LEU A 83 -13.21 6.08 9.39
N LEU A 84 -12.53 4.93 9.39
CA LEU A 84 -11.33 4.82 8.57
C LEU A 84 -11.65 5.11 7.11
N GLY A 85 -12.76 4.55 6.61
CA GLY A 85 -13.16 4.85 5.25
C GLY A 85 -13.50 6.32 5.05
N ALA A 86 -14.28 6.89 5.96
CA ALA A 86 -14.79 8.25 5.75
C ALA A 86 -13.70 9.29 5.98
N ASN A 87 -12.94 9.15 7.06
CA ASN A 87 -12.00 10.19 7.47
C ASN A 87 -10.69 10.14 6.73
N ILE A 88 -10.31 8.98 6.19
CA ILE A 88 -8.96 8.80 5.66
C ILE A 88 -9.05 8.41 4.18
N PHE A 89 -9.68 7.26 3.88
CA PHE A 89 -9.71 6.81 2.49
C PHE A 89 -10.49 7.77 1.61
N ASN A 90 -11.61 8.29 2.10
CA ASN A 90 -12.46 9.14 1.28
C ASN A 90 -12.06 10.61 1.36
N ASN A 91 -10.99 10.91 2.08
CA ASN A 91 -10.51 12.27 2.30
C ASN A 91 -9.64 12.69 1.14
N VAL A 92 -10.13 13.61 0.30
CA VAL A 92 -9.39 14.00 -0.90
C VAL A 92 -8.09 14.73 -0.60
N ASN A 93 -7.89 15.18 0.64
CA ASN A 93 -6.68 15.90 1.01
C ASN A 93 -5.60 14.97 1.55
N ILE A 94 -5.82 13.66 1.53
CA ILE A 94 -4.80 12.68 1.89
C ILE A 94 -4.57 11.82 0.67
N ARG A 95 -3.34 11.80 0.17
CA ARG A 95 -3.00 10.92 -0.94
C ARG A 95 -2.74 9.52 -0.42
N LYS A 96 -3.42 8.54 -1.01
CA LYS A 96 -3.23 7.14 -0.66
C LYS A 96 -2.36 6.53 -1.75
N VAL A 97 -1.13 6.16 -1.39
CA VAL A 97 -0.17 5.56 -2.32
C VAL A 97 -0.23 4.05 -2.14
N GLY A 98 -0.33 3.33 -3.25
CA GLY A 98 -0.35 1.89 -3.20
C GLY A 98 0.26 1.31 -4.46
N PHE A 99 0.11 0.00 -4.65
CA PHE A 99 0.65 -0.68 -5.82
C PHE A 99 -0.35 -1.76 -6.21
N SER A 100 -0.83 -1.71 -7.45
CA SER A 100 -1.87 -2.64 -7.91
C SER A 100 -3.11 -2.52 -7.01
N MET A 101 -3.73 -1.35 -7.10
CA MET A 101 -4.64 -0.94 -6.07
C MET A 101 -6.05 -1.47 -6.26
N VAL A 102 -6.45 -1.84 -7.47
CA VAL A 102 -7.78 -2.42 -7.64
C VAL A 102 -7.91 -3.69 -6.82
N SER A 103 -6.89 -4.55 -6.87
CA SER A 103 -6.91 -5.79 -6.09
C SER A 103 -6.97 -5.49 -4.59
N ASP A 104 -6.13 -4.59 -4.11
CA ASP A 104 -6.13 -4.27 -2.68
C ASP A 104 -7.49 -3.72 -2.26
N LEU A 105 -7.98 -2.72 -2.98
CA LEU A 105 -9.22 -2.07 -2.59
C LEU A 105 -10.40 -3.00 -2.70
N SER A 106 -10.38 -3.90 -3.68
CA SER A 106 -11.46 -4.88 -3.83
CA SER A 106 -11.47 -4.86 -3.81
C SER A 106 -11.57 -5.75 -2.58
N VAL A 107 -10.44 -6.28 -2.11
CA VAL A 107 -10.49 -7.17 -0.95
C VAL A 107 -10.89 -6.39 0.30
N LEU A 108 -10.38 -5.17 0.43
CA LEU A 108 -10.77 -4.33 1.57
C LEU A 108 -12.27 -4.04 1.56
N GLN A 109 -12.80 -3.59 0.41
CA GLN A 109 -14.19 -3.17 0.33
C GLN A 109 -15.13 -4.34 0.58
N ARG A 110 -14.75 -5.53 0.15
CA ARG A 110 -15.64 -6.68 0.31
C ARG A 110 -15.56 -7.30 1.70
N SER A 111 -14.50 -6.99 2.45
CA SER A 111 -14.26 -7.59 3.76
C SER A 111 -14.63 -6.67 4.91
N LEU A 112 -14.63 -5.36 4.70
CA LEU A 112 -14.74 -4.37 5.77
C LEU A 112 -15.74 -3.29 5.36
N PRO A 113 -16.53 -2.75 6.32
CA PRO A 113 -17.54 -1.73 5.95
C PRO A 113 -16.94 -0.33 5.83
N LEU A 114 -15.94 -0.21 4.97
CA LEU A 114 -15.25 1.06 4.76
C LEU A 114 -16.11 2.06 3.98
N GLN A 115 -17.06 1.59 3.17
CA GLN A 115 -17.88 2.42 2.30
C GLN A 115 -17.01 3.41 1.51
N LEU A 116 -16.07 2.86 0.75
CA LEU A 116 -15.19 3.66 -0.08
C LEU A 116 -16.00 4.41 -1.13
N ARG A 117 -15.70 5.70 -1.26
CA ARG A 117 -16.23 6.55 -2.32
C ARG A 117 -15.22 6.51 -3.47
N LEU A 118 -15.62 5.88 -4.58
CA LEU A 118 -14.69 5.56 -5.65
C LEU A 118 -14.84 6.46 -6.87
N GLN A 119 -15.87 7.30 -6.92
CA GLN A 119 -15.95 8.30 -7.96
C GLN A 119 -14.81 9.30 -7.82
N MET A 120 -14.28 9.73 -8.95
CA MET A 120 -13.18 10.67 -9.03
C MET A 120 -12.05 10.37 -8.04
N PRO A 121 -11.38 9.22 -8.21
CA PRO A 121 -10.37 8.76 -7.24
C PRO A 121 -8.98 9.37 -7.47
N HIS A 122 -8.94 10.69 -7.63
CA HIS A 122 -7.68 11.37 -7.91
C HIS A 122 -6.82 11.57 -6.67
N HIS A 123 -7.28 11.09 -5.52
CA HIS A 123 -6.52 11.14 -4.28
C HIS A 123 -5.88 9.78 -3.97
N TYR A 124 -5.87 8.88 -4.95
CA TYR A 124 -5.14 7.62 -4.90
C TYR A 124 -4.04 7.69 -5.93
N LEU A 125 -2.87 7.15 -5.59
CA LEU A 125 -1.76 7.06 -6.53
C LEU A 125 -1.27 5.62 -6.54
N ASP A 126 -1.46 4.95 -7.67
CA ASP A 126 -0.99 3.59 -7.85
C ASP A 126 0.39 3.61 -8.49
N LEU A 127 1.40 3.17 -7.73
CA LEU A 127 2.77 3.20 -8.21
C LEU A 127 2.96 2.30 -9.41
N ARG A 128 2.15 1.26 -9.54
CA ARG A 128 2.27 0.42 -10.74
C ARG A 128 1.85 1.20 -11.98
N ASN A 129 0.76 1.95 -11.90
CA ASN A 129 0.35 2.78 -13.02
C ASN A 129 1.36 3.89 -13.28
N LEU A 130 1.90 4.48 -12.21
CA LEU A 130 2.91 5.53 -12.39
C LEU A 130 4.14 4.98 -13.10
N TRP A 131 4.56 3.78 -12.73
CA TRP A 131 5.70 3.12 -13.36
C TRP A 131 5.46 2.96 -14.86
N LEU A 132 4.27 2.48 -15.24
CA LEU A 132 3.96 2.33 -16.66
C LEU A 132 3.94 3.67 -17.36
N GLU A 133 3.50 4.73 -16.69
CA GLU A 133 3.53 6.05 -17.30
C GLU A 133 4.97 6.52 -17.54
N LEU A 134 5.87 6.24 -16.59
CA LEU A 134 7.29 6.58 -16.77
C LEU A 134 7.88 5.83 -17.94
N LYS A 135 7.47 4.58 -18.14
CA LYS A 135 7.94 3.79 -19.27
C LYS A 135 7.45 4.31 -20.61
N LYS A 136 6.47 5.22 -20.65
CA LYS A 136 6.08 5.79 -21.93
C LYS A 136 7.09 6.84 -22.43
N GLN A 137 8.08 7.21 -21.63
CA GLN A 137 9.12 8.11 -22.11
C GLN A 137 9.97 7.44 -23.19
N ARG A 138 10.36 8.22 -24.19
CA ARG A 138 11.05 7.68 -25.36
C ARG A 138 12.42 7.11 -24.97
N PHE A 139 13.17 7.82 -24.14
CA PHE A 139 14.51 7.40 -23.77
C PHE A 139 14.59 6.80 -22.38
N GLY A 140 13.45 6.37 -21.83
CA GLY A 140 13.45 5.83 -20.49
C GLY A 140 13.66 6.92 -19.45
N VAL A 141 13.83 6.47 -18.21
CA VAL A 141 14.10 7.34 -17.06
C VAL A 141 15.23 6.69 -16.28
N GLU A 142 16.29 7.45 -16.01
CA GLU A 142 17.43 6.92 -15.28
C GLU A 142 17.20 7.12 -13.79
N LEU A 143 17.16 6.02 -13.05
CA LEU A 143 16.98 6.00 -11.61
C LEU A 143 18.30 5.64 -10.94
N PRO A 144 18.38 5.76 -9.61
CA PRO A 144 19.66 5.46 -8.94
C PRO A 144 20.27 4.10 -9.30
N PHE A 145 19.47 3.06 -9.51
CA PHE A 145 20.04 1.74 -9.78
C PHE A 145 19.59 1.16 -11.11
N GLY A 146 19.19 1.99 -12.06
CA GLY A 146 18.91 1.48 -13.40
C GLY A 146 17.90 2.34 -14.11
N ASN A 147 17.67 1.99 -15.37
CA ASN A 147 16.69 2.67 -16.20
C ASN A 147 15.35 1.96 -16.10
N VAL A 148 14.27 2.74 -16.05
CA VAL A 148 12.93 2.15 -15.97
C VAL A 148 12.66 1.26 -17.17
N ASN A 149 13.26 1.56 -18.32
CA ASN A 149 13.00 0.74 -19.52
C ASN A 149 13.68 -0.61 -19.48
N ARG A 150 14.58 -0.84 -18.52
CA ARG A 150 15.22 -2.13 -18.32
CA ARG A 150 15.20 -2.14 -18.34
C ARG A 150 14.65 -2.88 -17.13
N ALA A 151 13.71 -2.30 -16.42
CA ALA A 151 13.12 -2.90 -15.24
C ALA A 151 11.81 -3.59 -15.61
N GLY A 152 11.46 -4.60 -14.80
CA GLY A 152 10.14 -5.19 -14.89
C GLY A 152 9.09 -4.32 -14.22
N ASP A 153 7.91 -4.91 -14.05
CA ASP A 153 6.77 -4.19 -13.50
C ASP A 153 6.34 -4.68 -12.12
N ALA A 154 7.05 -5.63 -11.52
CA ALA A 154 6.66 -6.06 -10.19
C ALA A 154 7.19 -5.08 -9.14
N LEU A 155 6.57 -5.10 -7.95
CA LEU A 155 6.99 -4.19 -6.90
C LEU A 155 8.47 -4.36 -6.58
N THR A 156 8.97 -5.60 -6.62
CA THR A 156 10.38 -5.83 -6.35
C THR A 156 11.27 -5.19 -7.41
N ASP A 157 10.76 -5.03 -8.63
CA ASP A 157 11.51 -4.33 -9.68
C ASP A 157 11.60 -2.83 -9.41
N LEU A 158 10.52 -2.24 -8.89
CA LEU A 158 10.59 -0.84 -8.50
C LEU A 158 11.58 -0.66 -7.35
N SER A 159 11.57 -1.59 -6.41
CA SER A 159 12.46 -1.51 -5.26
C SER A 159 13.91 -1.61 -5.71
N LEU A 160 14.22 -2.53 -6.63
CA LEU A 160 15.59 -2.66 -7.12
C LEU A 160 16.06 -1.40 -7.82
N ALA A 161 15.25 -0.88 -8.74
CA ALA A 161 15.68 0.27 -9.53
C ALA A 161 15.81 1.53 -8.69
N CYS A 162 14.92 1.72 -7.71
CA CYS A 162 14.93 2.93 -6.89
C CYS A 162 15.84 2.82 -5.67
N LEU A 163 15.87 1.66 -5.02
CA LEU A 163 16.54 1.51 -3.74
C LEU A 163 17.74 0.59 -3.81
N GLY A 164 17.89 -0.20 -4.87
CA GLY A 164 19.04 -1.07 -5.00
C GLY A 164 18.93 -2.39 -4.29
N LYS A 165 17.77 -2.75 -3.77
CA LYS A 165 17.59 -4.05 -3.13
C LYS A 165 16.28 -4.64 -3.59
N LYS A 166 16.28 -5.96 -3.78
CA LYS A 166 15.07 -6.70 -4.04
C LYS A 166 14.28 -6.87 -2.75
N LEU A 167 12.99 -7.18 -2.91
CA LEU A 167 12.16 -7.56 -1.77
C LEU A 167 12.38 -9.03 -1.45
N ASN A 168 12.62 -9.33 -0.17
CA ASN A 168 12.74 -10.70 0.31
C ASN A 168 11.35 -11.33 0.31
N LYS A 169 11.17 -12.39 -0.48
CA LYS A 169 9.89 -13.08 -0.57
C LYS A 169 9.80 -14.27 0.38
N SER A 170 10.79 -14.48 1.24
CA SER A 170 10.61 -15.40 2.34
C SER A 170 9.59 -14.81 3.29
N ASN A 171 8.69 -15.64 3.78
CA ASN A 171 7.56 -15.30 4.67
C ASN A 171 6.44 -14.61 3.90
N GLN A 172 6.56 -14.49 2.57
CA GLN A 172 5.41 -14.06 1.77
C GLN A 172 4.27 -15.07 1.86
N CYS A 173 4.60 -16.36 1.80
CA CYS A 173 3.59 -17.44 1.82
C CYS A 173 3.47 -18.08 3.19
N SER A 174 3.22 -17.25 4.20
CA SER A 174 2.97 -17.70 5.55
C SER A 174 1.47 -17.69 5.82
N ASN A 175 1.07 -18.13 7.01
CA ASN A 175 -0.33 -18.09 7.40
C ASN A 175 -0.59 -16.74 8.05
N TRP A 176 -1.21 -15.84 7.29
CA TRP A 176 -1.46 -14.49 7.79
C TRP A 176 -2.57 -14.44 8.84
N ALA A 177 -3.22 -15.56 9.12
CA ALA A 177 -4.26 -15.61 10.13
C ALA A 177 -3.75 -16.06 11.49
N ASN A 178 -2.50 -16.48 11.61
CA ASN A 178 -2.02 -16.90 12.93
CA ASN A 178 -1.98 -16.90 12.92
C ASN A 178 -1.84 -15.70 13.85
N ARG A 179 -2.19 -15.90 15.11
CA ARG A 179 -2.11 -14.87 16.13
C ARG A 179 -1.42 -15.46 17.34
N PRO A 180 -0.33 -14.84 17.85
CA PRO A 180 0.28 -13.63 17.28
C PRO A 180 1.07 -13.90 16.00
N LEU A 181 1.27 -12.87 15.20
CA LEU A 181 2.14 -13.00 14.04
C LEU A 181 3.58 -13.24 14.50
N ARG A 182 4.31 -14.05 13.73
CA ARG A 182 5.74 -14.17 14.01
C ARG A 182 6.43 -12.85 13.68
N ARG A 183 7.59 -12.65 14.30
CA ARG A 183 8.41 -11.47 14.03
C ARG A 183 8.69 -11.31 12.54
N GLU A 184 9.01 -12.41 11.86
CA GLU A 184 9.29 -12.36 10.43
C GLU A 184 8.08 -11.92 9.62
N GLN A 185 6.87 -12.24 10.10
CA GLN A 185 5.65 -11.82 9.42
C GLN A 185 5.39 -10.33 9.61
N ILE A 186 5.57 -9.85 10.84
CA ILE A 186 5.45 -8.42 11.09
C ILE A 186 6.41 -7.64 10.21
N LEU A 187 7.67 -8.09 10.10
CA LEU A 187 8.63 -7.35 9.29
C LEU A 187 8.25 -7.39 7.82
N TYR A 188 7.82 -8.56 7.31
CA TYR A 188 7.43 -8.65 5.91
C TYR A 188 6.27 -7.70 5.60
N ALA A 189 5.24 -7.72 6.42
CA ALA A 189 4.08 -6.86 6.20
C ALA A 189 4.46 -5.39 6.29
N ALA A 190 5.33 -5.04 7.25
CA ALA A 190 5.73 -3.66 7.39
C ALA A 190 6.56 -3.19 6.21
N ILE A 191 7.43 -4.06 5.67
CA ILE A 191 8.24 -3.69 4.50
C ILE A 191 7.35 -3.49 3.27
N ASP A 192 6.31 -4.32 3.13
CA ASP A 192 5.38 -4.20 2.01
C ASP A 192 4.78 -2.80 1.93
N ALA A 193 4.58 -2.16 3.07
CA ALA A 193 4.08 -0.78 3.06
C ALA A 193 5.20 0.25 3.02
N ARG A 194 6.24 0.06 3.85
CA ARG A 194 7.34 1.01 3.94
C ARG A 194 8.07 1.15 2.61
N CYS A 195 8.17 0.07 1.84
CA CYS A 195 8.89 0.19 0.57
C CYS A 195 8.15 1.12 -0.40
N LEU A 196 6.83 1.20 -0.33
CA LEU A 196 6.10 2.15 -1.16
C LEU A 196 6.52 3.58 -0.84
N MET A 197 6.71 3.89 0.44
CA MET A 197 7.17 5.21 0.81
CA MET A 197 7.18 5.21 0.83
C MET A 197 8.57 5.47 0.28
N LEU A 198 9.47 4.49 0.39
CA LEU A 198 10.84 4.70 -0.07
C LEU A 198 10.90 4.86 -1.59
N ILE A 199 10.08 4.09 -2.31
CA ILE A 199 10.03 4.21 -3.76
C ILE A 199 9.45 5.56 -4.18
N TYR A 200 8.28 5.90 -3.63
CA TYR A 200 7.65 7.18 -3.94
C TYR A 200 8.60 8.34 -3.70
N ASN A 201 9.25 8.34 -2.53
CA ASN A 201 10.13 9.46 -2.22
C ASN A 201 11.36 9.46 -3.13
N THR A 202 11.83 8.29 -3.56
CA THR A 202 12.90 8.28 -4.56
C THR A 202 12.46 8.95 -5.86
N LEU A 203 11.26 8.65 -6.35
CA LEU A 203 10.80 9.26 -7.60
C LEU A 203 10.61 10.76 -7.45
N ILE A 204 10.06 11.18 -6.31
CA ILE A 204 9.83 12.60 -6.03
C ILE A 204 11.13 13.38 -6.09
N GLU A 205 12.20 12.79 -5.54
CA GLU A 205 13.47 13.48 -5.43
C GLU A 205 14.32 13.41 -6.68
N ARG A 206 14.19 12.33 -7.47
CA ARG A 206 15.15 12.00 -8.51
C ARG A 206 14.64 12.18 -9.94
N VAL A 207 13.34 12.34 -10.16
CA VAL A 207 12.78 12.48 -11.50
C VAL A 207 12.25 13.91 -11.63
N SER A 208 12.90 14.73 -12.46
CA SER A 208 12.65 16.17 -12.44
C SER A 208 11.23 16.53 -12.87
N PHE A 209 10.65 15.76 -13.79
CA PHE A 209 9.32 16.03 -14.34
C PHE A 209 8.25 15.16 -13.68
N ILE A 210 8.52 14.67 -12.48
CA ILE A 210 7.67 13.64 -11.87
C ILE A 210 6.26 14.16 -11.64
N GLN A 211 6.10 15.47 -11.38
CA GLN A 211 4.76 15.95 -11.03
C GLN A 211 3.80 15.84 -12.21
N ALA A 212 4.27 16.13 -13.43
CA ALA A 212 3.42 15.93 -14.60
C ALA A 212 3.02 14.48 -14.78
N VAL A 213 3.93 13.56 -14.45
CA VAL A 213 3.63 12.14 -14.60
C VAL A 213 2.64 11.70 -13.55
N ILE A 214 2.81 12.20 -12.32
CA ILE A 214 1.85 11.89 -11.25
C ILE A 214 0.45 12.35 -11.65
N GLU A 215 0.32 13.56 -12.20
CA GLU A 215 -1.00 14.06 -12.56
C GLU A 215 -1.65 13.20 -13.63
N LYS A 216 -0.87 12.77 -14.63
CA LYS A 216 -1.41 11.86 -15.63
C LYS A 216 -1.84 10.53 -15.01
N SER A 217 -1.05 10.00 -14.08
CA SER A 217 -1.36 8.71 -13.48
C SER A 217 -2.61 8.79 -12.61
N ILE A 218 -2.70 9.78 -11.73
CA ILE A 218 -3.88 9.87 -10.88
C ILE A 218 -5.13 10.14 -11.72
N ALA A 219 -4.99 10.82 -12.86
CA ALA A 219 -6.12 11.07 -13.73
C ALA A 219 -6.65 9.80 -14.37
N SER A 220 -5.80 8.80 -14.55
CA SER A 220 -6.19 7.56 -15.19
C SER A 220 -6.90 6.59 -14.25
N ASN A 221 -6.89 6.85 -12.94
CA ASN A 221 -7.51 5.93 -12.00
C ASN A 221 -8.97 5.72 -12.33
N ASN A 222 -9.39 4.46 -12.33
CA ASN A 222 -10.81 4.15 -12.45
C ASN A 222 -11.06 2.85 -11.68
N PHE A 223 -11.80 2.97 -10.59
CA PHE A 223 -12.07 1.83 -9.72
C PHE A 223 -13.48 1.30 -9.89
N LEU A 224 -14.34 2.07 -10.55
CA LEU A 224 -15.74 1.70 -10.72
C LEU A 224 -15.99 0.96 -12.02
N ARG A 225 -15.27 1.29 -13.08
CA ARG A 225 -15.45 0.63 -14.37
CA ARG A 225 -15.45 0.62 -14.36
C ARG A 225 -14.60 -0.64 -14.42
N ARG A 226 -15.16 -1.68 -15.04
CA ARG A 226 -14.40 -2.92 -15.17
C ARG A 226 -13.14 -2.69 -16.01
N GLY A 227 -12.02 -3.22 -15.53
CA GLY A 227 -10.80 -3.23 -16.29
C GLY A 227 -10.22 -4.63 -16.32
N ALA A 228 -9.38 -4.88 -17.30
CA ALA A 228 -8.74 -6.19 -17.40
C ALA A 228 -7.92 -6.48 -16.15
N HIS A 229 -8.09 -7.69 -15.61
CA HIS A 229 -7.23 -8.13 -14.53
C HIS A 229 -5.80 -8.32 -15.04
N VAL A 230 -4.84 -7.83 -14.27
CA VAL A 230 -3.42 -7.99 -14.58
C VAL A 230 -2.73 -8.80 -13.49
#